data_6DF3
#
_entry.id   6DF3
#
_cell.length_a   77.702
_cell.length_b   77.702
_cell.length_c   124.785
_cell.angle_alpha   90.000
_cell.angle_beta   90.000
_cell.angle_gamma   90.000
#
_symmetry.space_group_name_H-M   'P 43'
#
loop_
_entity.id
_entity.type
_entity.pdbx_description
1 polymer 'Interleukin-22 receptor subunit alpha-1'
2 polymer Interleukin-24
3 polymer 'Interleukin-20 receptor subunit beta'
4 branched 2-acetamido-2-deoxy-beta-D-glucopyranose-(1-4)-2-acetamido-2-deoxy-beta-D-glucopyranose
5 non-polymer 2-acetamido-2-deoxy-beta-D-glucopyranose
6 non-polymer GLYCEROL
7 water water
#
loop_
_entity_poly.entity_id
_entity_poly.type
_entity_poly.pdbx_seq_one_letter_code
_entity_poly.pdbx_strand_id
1 'polypeptide(L)'
;LLQHVKFQSSNFENILTWDSGPEGTPDTVYSIEYKTYGERDWVAKKGCQRITRKSCNLTVETGNLTELYYARVTAVSAGG
RSATKMTDRFSSLQHTTLKPPDVTCISKVRSIQMIVHPTPTPIRAGDGHRLTLEDIFHDLFYHLELQVNRTYQMHLGGKQ
REYEFFGLTPDTEFLGTIMICVPTWAKESAPYMCRVKTLPDRTWTG
;
L
2 'polypeptide(L)'
;QEFHFGPCQVKGVVPQKLWEAFWAVKDTMQAQDQITSARLLQQEVLQQVSDAESCYLVHTLLEFYLKTVFKNHHQRTVEV
RTLKSFSTLANNFVLIVSQLQPSQENEMFSIRDSAHRRFLLFRRAFKQLDVEAALTKALGEVDILLTWMQKFYKL
;
C
3 'polypeptide(L)'
;LPAPQNLSVLSTNMKHLLMWSPVIAPGETVYYSVEYQGEYESLYTSHIWIPSSWCSLTEGPECDVTDDITATVPYNLRVR
ATLGSQTSAWSILKHPFNRQSTILTRPGMEITKDGFHLVIELEDLGPQFEFLVAYWRREPGAEEHVKMVRSGGIPVHLET
MEPGAAYCVKAETFVKAIGRYSAFSQTECV
;
H
#
# COMPACT_ATOMS: atom_id res chain seq x y z
N LEU A 1 7.82 21.55 -28.57
CA LEU A 1 6.33 21.67 -28.53
C LEU A 1 5.78 21.80 -27.06
N LEU A 2 5.26 20.68 -26.52
CA LEU A 2 4.64 20.62 -25.18
C LEU A 2 5.19 19.37 -24.56
N GLN A 3 5.85 19.46 -23.42
CA GLN A 3 6.22 18.25 -22.66
C GLN A 3 5.55 18.25 -21.30
N HIS A 4 5.62 17.11 -20.62
CA HIS A 4 5.35 17.05 -19.18
C HIS A 4 4.00 17.64 -18.77
N VAL A 5 2.94 17.43 -19.58
CA VAL A 5 1.59 17.85 -19.18
C VAL A 5 1.03 16.88 -18.11
N LYS A 6 0.79 17.38 -16.90
CA LYS A 6 0.45 16.55 -15.74
C LYS A 6 -0.16 17.35 -14.60
N PHE A 7 -0.79 16.61 -13.70
CA PHE A 7 -1.41 17.17 -12.54
C PHE A 7 -0.44 17.06 -11.36
N GLN A 8 -0.46 18.07 -10.49
CA GLN A 8 0.08 18.03 -9.16
C GLN A 8 -1.04 18.24 -8.17
N SER A 9 -1.04 17.45 -7.13
CA SER A 9 -2.13 17.49 -6.24
C SER A 9 -1.57 17.51 -4.86
N SER A 10 -1.95 18.50 -4.10
CA SER A 10 -1.59 18.58 -2.73
C SER A 10 -2.83 18.95 -1.86
N ASN A 11 -3.18 18.13 -0.89
CA ASN A 11 -4.44 18.26 -0.13
C ASN A 11 -5.70 18.43 -1.02
N PHE A 12 -5.72 17.70 -2.13
CA PHE A 12 -6.77 17.74 -3.13
C PHE A 12 -6.84 19.13 -3.81
N GLU A 13 -5.81 19.97 -3.69
CA GLU A 13 -5.68 21.12 -4.59
C GLU A 13 -4.98 20.61 -5.83
N ASN A 14 -5.66 20.66 -6.98
CA ASN A 14 -5.25 19.94 -8.17
C ASN A 14 -4.85 20.92 -9.25
N ILE A 15 -3.53 21.01 -9.49
CA ILE A 15 -2.97 21.97 -10.40
C ILE A 15 -2.37 21.30 -11.60
N LEU A 16 -2.74 21.75 -12.81
CA LEU A 16 -2.20 21.22 -14.08
C LEU A 16 -1.01 22.10 -14.41
N THR A 17 0.06 21.50 -14.92
CA THR A 17 1.30 22.22 -15.26
C THR A 17 1.84 21.60 -16.50
N TRP A 18 2.66 22.34 -17.21
CA TRP A 18 3.26 21.84 -18.42
C TRP A 18 4.47 22.68 -18.69
N ASP A 19 5.22 22.28 -19.70
CA ASP A 19 6.38 23.05 -20.16
C ASP A 19 6.73 22.66 -21.60
N SER A 20 7.79 23.32 -22.13
CA SER A 20 8.63 22.80 -23.21
C SER A 20 10.12 23.12 -22.95
N THR A 25 8.46 28.99 -28.79
CA THR A 25 8.58 30.44 -28.95
C THR A 25 8.57 31.06 -27.55
N PRO A 26 8.83 32.39 -27.45
CA PRO A 26 8.48 33.14 -26.23
C PRO A 26 7.02 33.61 -26.21
N ASP A 27 6.47 33.97 -27.39
CA ASP A 27 5.03 34.27 -27.57
C ASP A 27 4.23 33.02 -27.98
N THR A 28 4.17 32.06 -27.07
CA THR A 28 3.37 30.86 -27.24
C THR A 28 2.15 31.02 -26.34
N VAL A 29 1.05 30.41 -26.79
CA VAL A 29 -0.29 30.63 -26.24
C VAL A 29 -0.93 29.29 -25.84
N TYR A 30 -1.36 29.17 -24.58
CA TYR A 30 -1.89 27.87 -24.05
C TYR A 30 -3.40 27.95 -23.75
N SER A 31 -4.14 26.95 -24.23
CA SER A 31 -5.58 26.87 -23.91
C SER A 31 -5.89 25.48 -23.34
N ILE A 32 -6.74 25.46 -22.30
CA ILE A 32 -6.96 24.24 -21.46
C ILE A 32 -8.41 23.72 -21.57
N GLU A 33 -8.56 22.41 -21.74
CA GLU A 33 -9.85 21.75 -21.53
C GLU A 33 -9.75 20.57 -20.59
N TYR A 34 -10.87 20.31 -19.92
CA TYR A 34 -11.02 19.18 -19.01
C TYR A 34 -12.32 18.40 -19.22
N LYS A 35 -12.34 17.21 -18.64
CA LYS A 35 -13.33 16.23 -18.93
C LYS A 35 -13.26 15.08 -17.94
N THR A 36 -14.42 14.51 -17.71
CA THR A 36 -14.62 13.37 -16.86
C THR A 36 -14.49 12.08 -17.64
N TYR A 37 -13.62 11.14 -17.20
CA TYR A 37 -13.50 9.77 -17.76
C TYR A 37 -14.85 9.08 -17.82
N GLY A 38 -15.25 8.56 -18.96
CA GLY A 38 -16.65 8.04 -19.08
C GLY A 38 -17.77 8.98 -19.59
N GLU A 39 -17.50 10.29 -19.74
CA GLU A 39 -18.44 11.28 -20.41
C GLU A 39 -17.80 11.72 -21.71
N ARG A 40 -18.57 12.12 -22.74
CA ARG A 40 -17.96 12.41 -24.06
C ARG A 40 -17.40 13.83 -24.26
N ASP A 41 -17.91 14.82 -23.52
CA ASP A 41 -17.65 16.25 -23.83
C ASP A 41 -16.57 16.95 -23.00
N TRP A 42 -15.53 17.36 -23.72
CA TRP A 42 -14.52 18.33 -23.28
C TRP A 42 -15.08 19.69 -22.89
N VAL A 43 -14.76 20.19 -21.69
CA VAL A 43 -15.16 21.56 -21.24
C VAL A 43 -13.94 22.52 -21.11
N ALA A 44 -14.15 23.76 -21.57
CA ALA A 44 -13.16 24.84 -21.56
C ALA A 44 -13.02 25.46 -20.17
N LYS A 45 -11.82 25.45 -19.62
CA LYS A 45 -11.64 26.00 -18.29
C LYS A 45 -11.70 27.50 -18.42
N LYS A 46 -12.67 28.16 -17.79
CA LYS A 46 -12.73 29.62 -17.84
C LYS A 46 -11.61 30.17 -17.00
N GLY A 47 -10.99 31.27 -17.44
CA GLY A 47 -9.77 31.82 -16.81
C GLY A 47 -8.43 31.27 -17.32
N CYS A 48 -8.45 30.24 -18.19
CA CYS A 48 -7.24 29.57 -18.74
C CYS A 48 -7.25 29.33 -20.29
N GLN A 49 -7.94 30.19 -21.04
CA GLN A 49 -7.83 30.22 -22.53
C GLN A 49 -6.84 31.29 -22.98
N ARG A 50 -5.94 30.86 -23.88
CA ARG A 50 -4.94 31.67 -24.53
C ARG A 50 -3.98 32.36 -23.54
N ILE A 51 -3.49 31.59 -22.56
CA ILE A 51 -2.61 32.15 -21.51
C ILE A 51 -1.15 31.92 -21.84
N THR A 52 -0.32 32.76 -21.25
CA THR A 52 1.13 32.60 -21.33
C THR A 52 1.67 31.78 -20.12
N ARG A 53 1.05 31.93 -18.94
CA ARG A 53 1.42 31.12 -17.73
C ARG A 53 1.38 29.61 -17.98
N LYS A 54 2.11 28.86 -17.13
CA LYS A 54 2.32 27.40 -17.21
C LYS A 54 1.53 26.58 -16.18
N SER A 55 0.38 27.08 -15.77
CA SER A 55 -0.27 26.63 -14.57
C SER A 55 -1.76 26.88 -14.67
N CYS A 56 -2.53 25.98 -14.10
CA CYS A 56 -3.97 26.11 -14.14
C CYS A 56 -4.63 25.33 -13.03
N ASN A 57 -5.35 26.05 -12.17
CA ASN A 57 -6.04 25.50 -11.00
C ASN A 57 -7.35 24.81 -11.36
N LEU A 58 -7.34 23.46 -11.36
CA LEU A 58 -8.59 22.67 -11.62
C LEU A 58 -9.22 22.10 -10.35
N THR A 59 -8.94 22.69 -9.19
CA THR A 59 -9.36 22.10 -7.90
C THR A 59 -10.87 21.90 -7.91
N VAL A 60 -11.62 22.78 -8.55
CA VAL A 60 -13.10 22.72 -8.48
C VAL A 60 -13.69 21.67 -9.40
N GLU A 61 -13.03 21.50 -10.53
CA GLU A 61 -13.53 20.78 -11.66
C GLU A 61 -13.11 19.32 -11.62
N THR A 62 -12.11 19.01 -10.78
CA THR A 62 -11.66 17.66 -10.55
C THR A 62 -11.91 17.24 -9.10
N GLY A 63 -12.93 17.81 -8.48
CA GLY A 63 -13.19 17.60 -7.09
C GLY A 63 -14.30 16.63 -6.71
N ASN A 64 -14.72 15.76 -7.61
CA ASN A 64 -15.59 14.63 -7.18
C ASN A 64 -14.68 13.39 -7.00
N LEU A 65 -14.65 12.83 -5.81
CA LEU A 65 -13.69 11.80 -5.51
C LEU A 65 -14.00 10.42 -6.14
N THR A 66 -15.23 10.22 -6.62
CA THR A 66 -15.57 8.98 -7.27
C THR A 66 -15.32 9.06 -8.76
N GLU A 67 -14.94 10.22 -9.29
CA GLU A 67 -14.65 10.31 -10.71
C GLU A 67 -13.15 10.28 -10.94
N LEU A 68 -12.78 10.02 -12.20
CA LEU A 68 -11.45 10.22 -12.74
C LEU A 68 -11.52 11.22 -13.90
N TYR A 69 -10.43 11.95 -14.16
CA TYR A 69 -10.44 13.07 -15.07
C TYR A 69 -9.31 13.08 -16.03
N TYR A 70 -9.55 13.76 -17.13
CA TYR A 70 -8.54 13.99 -18.13
C TYR A 70 -8.51 15.52 -18.29
N ALA A 71 -7.35 16.05 -18.58
CA ALA A 71 -7.24 17.46 -18.99
C ALA A 71 -6.28 17.47 -20.15
N ARG A 72 -6.31 18.58 -20.87
CA ARG A 72 -5.69 18.68 -22.17
C ARG A 72 -5.33 20.14 -22.45
N VAL A 73 -4.14 20.34 -23.00
CA VAL A 73 -3.54 21.66 -23.24
C VAL A 73 -3.36 21.78 -24.74
N THR A 74 -3.83 22.88 -25.32
CA THR A 74 -3.57 23.18 -26.76
C THR A 74 -2.64 24.38 -26.79
N ALA A 75 -1.51 24.17 -27.46
CA ALA A 75 -0.54 25.22 -27.62
C ALA A 75 -0.38 25.59 -29.11
N VAL A 76 0.03 26.81 -29.34
CA VAL A 76 0.30 27.35 -30.73
C VAL A 76 1.23 28.59 -30.68
N SER A 77 2.20 28.64 -31.58
CA SER A 77 3.21 29.74 -31.68
C SER A 77 2.60 31.05 -32.15
N ALA A 78 3.27 32.18 -31.86
CA ALA A 78 2.79 33.51 -32.37
C ALA A 78 3.03 33.73 -33.86
N SER A 82 1.03 24.73 -33.88
CA SER A 82 0.15 24.04 -32.87
C SER A 82 0.45 22.57 -32.54
N ALA A 83 -0.02 22.16 -31.36
CA ALA A 83 0.03 20.76 -30.89
C ALA A 83 -0.81 20.72 -29.64
N THR A 84 -1.41 19.57 -29.39
CA THR A 84 -2.24 19.35 -28.22
C THR A 84 -1.69 18.11 -27.48
N LYS A 85 -1.66 18.18 -26.14
CA LYS A 85 -1.36 17.04 -25.27
C LYS A 85 -2.37 16.88 -24.13
N MET A 86 -2.76 15.63 -23.85
CA MET A 86 -3.61 15.36 -22.68
C MET A 86 -2.83 14.64 -21.56
N THR A 87 -3.29 14.90 -20.34
CA THR A 87 -2.79 14.21 -19.17
C THR A 87 -3.09 12.72 -19.17
N ASP A 88 -2.36 12.01 -18.29
CA ASP A 88 -2.72 10.67 -17.88
C ASP A 88 -4.08 10.72 -17.22
N ARG A 89 -4.80 9.58 -17.21
CA ARG A 89 -6.01 9.54 -16.42
C ARG A 89 -5.69 9.92 -14.97
N PHE A 90 -6.51 10.76 -14.34
CA PHE A 90 -6.26 11.36 -13.05
C PHE A 90 -7.32 11.01 -12.03
N SER A 91 -6.85 10.51 -10.88
CA SER A 91 -7.58 10.22 -9.64
C SER A 91 -6.93 11.05 -8.51
N SER A 92 -7.68 12.00 -7.96
CA SER A 92 -7.20 12.82 -6.86
C SER A 92 -6.79 11.95 -5.63
N LEU A 93 -7.61 10.96 -5.32
CA LEU A 93 -7.37 10.05 -4.18
C LEU A 93 -6.03 9.37 -4.29
N GLN A 94 -5.68 8.95 -5.47
CA GLN A 94 -4.44 8.26 -5.66
C GLN A 94 -3.26 9.19 -5.67
N HIS A 95 -3.44 10.35 -6.30
CA HIS A 95 -2.32 11.21 -6.67
C HIS A 95 -2.00 12.18 -5.50
N THR A 96 -2.97 12.57 -4.69
CA THR A 96 -2.77 13.68 -3.79
C THR A 96 -1.71 13.36 -2.70
N THR A 97 -0.87 14.38 -2.44
CA THR A 97 0.11 14.39 -1.38
C THR A 97 -0.56 15.07 -0.25
N LEU A 98 -0.06 14.86 0.95
CA LEU A 98 -0.61 15.50 2.12
C LEU A 98 0.39 16.52 2.70
N LYS A 99 -0.08 17.73 2.93
CA LYS A 99 0.65 18.77 3.64
C LYS A 99 0.86 18.42 5.12
N PRO A 100 1.79 19.08 5.79
CA PRO A 100 1.95 18.77 7.18
C PRO A 100 0.71 19.18 7.88
N PRO A 101 0.34 18.50 8.96
CA PRO A 101 -0.84 18.93 9.72
C PRO A 101 -0.54 20.22 10.43
N ASP A 102 -1.55 21.01 10.67
CA ASP A 102 -1.46 22.13 11.60
C ASP A 102 -1.53 21.59 13.06
N VAL A 103 -0.53 21.92 13.88
CA VAL A 103 -0.37 21.37 15.23
C VAL A 103 -0.10 22.59 16.11
N THR A 104 -0.59 22.58 17.35
CA THR A 104 -0.18 23.54 18.40
C THR A 104 0.59 22.75 19.48
N CYS A 105 1.86 23.12 19.70
CA CYS A 105 2.74 22.50 20.69
C CYS A 105 2.73 23.40 21.87
N ILE A 106 2.42 22.89 23.04
CA ILE A 106 2.39 23.73 24.24
C ILE A 106 3.44 23.13 25.15
N SER A 107 4.42 23.96 25.58
CA SER A 107 5.40 23.55 26.58
C SER A 107 4.90 23.72 27.95
N LYS A 108 5.12 22.70 28.76
CA LYS A 108 4.85 22.76 30.20
C LYS A 108 6.14 22.43 30.85
N VAL A 109 6.17 22.29 32.17
CA VAL A 109 7.44 22.16 32.89
C VAL A 109 7.97 20.71 32.76
N ARG A 110 7.05 19.76 32.77
CA ARG A 110 7.45 18.31 32.64
C ARG A 110 6.71 17.53 31.54
N SER A 111 6.08 18.26 30.64
CA SER A 111 5.50 17.64 29.48
C SER A 111 5.47 18.61 28.33
N ILE A 112 5.13 18.05 27.19
CA ILE A 112 4.82 18.83 26.02
C ILE A 112 3.51 18.31 25.47
N GLN A 113 2.58 19.21 25.28
CA GLN A 113 1.27 18.82 24.81
C GLN A 113 1.20 19.15 23.33
N MET A 114 0.53 18.33 22.55
CA MET A 114 0.38 18.66 21.16
C MET A 114 -1.06 18.49 20.74
N ILE A 115 -1.60 19.52 20.12
CA ILE A 115 -2.94 19.48 19.59
C ILE A 115 -2.95 19.47 18.07
N VAL A 116 -3.39 18.37 17.49
CA VAL A 116 -3.49 18.26 16.06
C VAL A 116 -4.82 18.85 15.61
N HIS A 117 -4.80 19.83 14.70
CA HIS A 117 -6.02 20.42 14.18
C HIS A 117 -6.42 19.61 12.97
N PRO A 118 -7.74 19.47 12.73
CA PRO A 118 -8.19 18.78 11.52
C PRO A 118 -7.75 19.53 10.30
N THR A 119 -7.56 18.83 9.20
CA THR A 119 -7.10 19.51 8.03
C THR A 119 -8.29 19.71 7.11
N PRO A 120 -8.76 20.96 6.89
CA PRO A 120 -9.78 21.21 5.83
C PRO A 120 -9.27 20.98 4.39
N THR A 121 -10.21 20.80 3.47
CA THR A 121 -9.92 20.35 2.13
C THR A 121 -10.88 21.14 1.21
N PRO A 122 -10.56 21.36 -0.09
CA PRO A 122 -11.54 21.82 -1.09
C PRO A 122 -12.61 20.81 -1.54
N ILE A 123 -12.74 19.68 -0.88
CA ILE A 123 -13.76 18.70 -1.26
C ILE A 123 -15.00 19.11 -0.45
N ARG A 124 -16.13 19.18 -1.12
CA ARG A 124 -17.37 19.45 -0.37
C ARG A 124 -18.33 18.29 -0.52
N ALA A 125 -18.99 17.96 0.58
CA ALA A 125 -19.91 16.83 0.62
C ALA A 125 -21.17 17.33 -0.04
N GLY A 126 -21.79 16.46 -0.84
CA GLY A 126 -23.07 16.77 -1.50
C GLY A 126 -23.91 17.60 -0.58
N ASP A 127 -24.31 18.79 -1.06
CA ASP A 127 -25.12 19.72 -0.28
C ASP A 127 -24.60 19.90 1.16
N GLY A 128 -23.45 20.55 1.34
CA GLY A 128 -22.98 20.77 2.69
C GLY A 128 -21.55 21.20 2.84
N HIS A 129 -21.03 20.85 4.01
CA HIS A 129 -19.79 21.44 4.53
C HIS A 129 -18.60 20.87 3.75
N ARG A 130 -17.49 21.60 3.79
CA ARG A 130 -16.24 21.18 3.20
C ARG A 130 -15.74 20.05 4.07
N LEU A 131 -15.24 18.99 3.46
CA LEU A 131 -14.75 17.85 4.22
C LEU A 131 -13.28 17.99 4.63
N THR A 132 -12.94 17.40 5.77
CA THR A 132 -11.57 17.29 6.20
C THR A 132 -10.90 15.99 5.68
N LEU A 133 -9.58 15.88 5.83
CA LEU A 133 -8.88 14.64 5.58
C LEU A 133 -9.45 13.53 6.49
N GLU A 134 -9.80 13.85 7.72
CA GLU A 134 -10.26 12.87 8.71
C GLU A 134 -11.61 12.23 8.25
N ASP A 135 -12.52 13.08 7.74
CA ASP A 135 -13.75 12.63 7.01
C ASP A 135 -13.42 11.73 5.82
N ILE A 136 -12.46 12.12 4.95
CA ILE A 136 -12.20 11.41 3.67
C ILE A 136 -11.51 10.03 3.83
N PHE A 137 -10.50 9.94 4.67
CA PHE A 137 -9.78 8.71 4.87
C PHE A 137 -10.14 8.13 6.23
N HIS A 138 -10.95 7.09 6.24
CA HIS A 138 -11.32 6.49 7.49
C HIS A 138 -10.12 5.90 8.24
N ASP A 139 -9.05 5.51 7.55
CA ASP A 139 -7.88 4.86 8.19
C ASP A 139 -6.78 5.82 8.63
N LEU A 140 -7.03 7.13 8.47
CA LEU A 140 -6.08 8.22 8.84
C LEU A 140 -5.64 8.21 10.27
N PHE A 141 -4.36 8.35 10.53
CA PHE A 141 -3.96 8.57 11.90
C PHE A 141 -2.76 9.46 12.02
N TYR A 142 -2.39 9.81 13.24
CA TYR A 142 -1.27 10.68 13.50
C TYR A 142 -0.15 9.88 14.13
N HIS A 143 1.10 10.18 13.70
CA HIS A 143 2.28 9.67 14.35
C HIS A 143 3.05 10.90 14.85
N LEU A 144 3.36 10.87 16.14
CA LEU A 144 4.08 11.97 16.81
C LEU A 144 5.32 11.41 17.41
N GLU A 145 6.44 12.10 17.26
CA GLU A 145 7.74 11.76 17.82
C GLU A 145 8.34 12.95 18.58
N LEU A 146 8.96 12.70 19.72
CA LEU A 146 9.66 13.66 20.50
C LEU A 146 11.05 13.04 20.63
N GLN A 147 12.03 13.74 20.09
CA GLN A 147 13.41 13.39 20.14
C GLN A 147 14.00 13.93 21.40
N VAL A 148 14.50 13.02 22.20
CA VAL A 148 15.08 13.35 23.49
C VAL A 148 16.58 13.14 23.40
N ASN A 149 17.31 13.94 24.19
CA ASN A 149 18.77 14.06 24.14
C ASN A 149 18.99 14.24 22.66
N ARG A 150 19.89 13.50 22.04
CA ARG A 150 19.67 13.21 20.61
C ARG A 150 19.70 11.69 20.39
N THR A 151 19.52 10.92 21.46
CA THR A 151 19.76 9.49 21.45
C THR A 151 18.52 8.70 21.03
N TYR A 152 17.35 9.12 21.51
CA TYR A 152 16.17 8.24 21.49
C TYR A 152 14.88 9.00 21.24
N GLN A 153 13.79 8.27 21.02
CA GLN A 153 12.50 8.85 20.73
C GLN A 153 11.33 8.33 21.53
N MET A 154 10.42 9.23 21.85
CA MET A 154 9.11 8.88 22.38
C MET A 154 8.16 8.93 21.23
N HIS A 155 7.29 7.92 21.13
CA HIS A 155 6.34 7.76 20.06
C HIS A 155 4.94 7.80 20.68
N LEU A 156 4.01 8.54 20.06
CA LEU A 156 2.60 8.47 20.38
C LEU A 156 1.86 8.52 19.06
N GLY A 157 0.62 8.09 19.06
CA GLY A 157 -0.16 8.10 17.83
C GLY A 157 -1.56 7.62 18.02
N GLY A 158 -2.40 7.82 17.02
CA GLY A 158 -3.78 7.36 17.05
C GLY A 158 -4.64 8.25 16.17
N LYS A 159 -5.93 8.12 16.39
CA LYS A 159 -6.93 8.92 15.70
C LYS A 159 -7.31 10.17 16.44
N GLN A 160 -7.11 10.17 17.75
CA GLN A 160 -7.41 11.34 18.56
C GLN A 160 -6.45 12.49 18.20
N ARG A 161 -6.69 13.67 18.81
CA ARG A 161 -6.12 14.93 18.36
C ARG A 161 -5.24 15.61 19.38
N GLU A 162 -5.48 15.32 20.64
CA GLU A 162 -4.74 15.86 21.74
C GLU A 162 -3.81 14.78 22.31
N TYR A 163 -2.53 15.11 22.52
CA TYR A 163 -1.50 14.18 22.95
C TYR A 163 -0.65 14.90 23.92
N GLU A 164 -0.01 14.20 24.82
CA GLU A 164 0.95 14.91 25.68
C GLU A 164 2.06 13.96 26.09
N PHE A 165 3.31 14.36 25.93
CA PHE A 165 4.47 13.57 26.33
C PHE A 165 4.80 13.85 27.76
N PHE A 166 4.63 12.87 28.65
CA PHE A 166 4.97 13.04 30.07
C PHE A 166 6.38 12.61 30.37
N GLY A 167 6.83 12.91 31.59
CA GLY A 167 8.15 12.50 32.15
C GLY A 167 9.41 13.26 31.73
N LEU A 168 9.28 14.52 31.36
CA LEU A 168 10.42 15.23 30.79
C LEU A 168 11.14 16.03 31.83
N THR A 169 12.38 16.34 31.53
CA THR A 169 13.18 17.20 32.37
C THR A 169 12.75 18.64 32.15
N PRO A 170 12.58 19.40 33.24
CA PRO A 170 12.45 20.84 33.08
C PRO A 170 13.54 21.45 32.28
N ASP A 171 13.21 22.53 31.61
CA ASP A 171 14.18 23.45 31.03
C ASP A 171 15.10 22.82 29.93
N THR A 172 14.50 22.06 29.05
CA THR A 172 15.28 21.25 28.13
C THR A 172 14.63 21.29 26.75
N GLU A 173 15.49 21.38 25.74
CA GLU A 173 15.12 21.42 24.35
C GLU A 173 14.71 20.02 23.85
N PHE A 174 13.59 19.95 23.14
CA PHE A 174 13.14 18.74 22.44
C PHE A 174 12.67 19.08 21.04
N LEU A 175 12.63 18.10 20.18
CA LEU A 175 12.13 18.31 18.84
C LEU A 175 10.91 17.46 18.63
N GLY A 176 9.76 18.08 18.40
CA GLY A 176 8.52 17.38 18.05
C GLY A 176 8.40 17.25 16.52
N THR A 177 8.02 16.09 16.03
CA THR A 177 7.69 15.95 14.61
C THR A 177 6.34 15.22 14.56
N ILE A 178 5.40 15.68 13.76
CA ILE A 178 4.04 15.14 13.69
C ILE A 178 3.71 14.91 12.23
N MET A 179 3.28 13.67 11.90
CA MET A 179 2.88 13.33 10.55
C MET A 179 1.48 12.83 10.52
N ILE A 180 0.79 13.06 9.38
CA ILE A 180 -0.44 12.35 9.07
C ILE A 180 -0.10 11.08 8.32
N CYS A 181 -0.75 9.97 8.63
CA CYS A 181 -0.52 8.69 7.93
C CYS A 181 -1.81 8.12 7.43
N VAL A 182 -1.83 7.69 6.19
CA VAL A 182 -2.96 7.01 5.66
C VAL A 182 -2.39 5.75 5.08
N PRO A 183 -2.19 4.72 5.92
CA PRO A 183 -1.40 3.48 5.55
C PRO A 183 -1.88 2.68 4.37
N THR A 184 -3.20 2.65 4.16
CA THR A 184 -3.72 1.89 3.07
C THR A 184 -3.55 2.55 1.72
N TRP A 185 -3.25 3.84 1.66
CA TRP A 185 -2.99 4.48 0.38
C TRP A 185 -1.52 4.78 0.28
N ALA A 186 -0.73 4.28 1.24
CA ALA A 186 0.69 4.51 1.26
C ALA A 186 0.96 6.00 1.26
N LYS A 187 0.17 6.77 1.99
CA LYS A 187 0.41 8.18 2.10
C LYS A 187 0.91 8.55 3.49
N GLU A 188 1.83 9.48 3.45
CA GLU A 188 2.38 10.04 4.65
C GLU A 188 2.68 11.50 4.37
N SER A 189 2.36 12.39 5.28
CA SER A 189 2.52 13.79 5.04
C SER A 189 3.91 14.13 5.26
N ALA A 190 4.30 15.27 4.66
CA ALA A 190 5.36 16.12 5.19
C ALA A 190 5.20 16.23 6.74
N PRO A 191 6.27 16.21 7.47
CA PRO A 191 6.20 16.43 8.92
C PRO A 191 5.93 17.89 9.37
N TYR A 192 5.12 18.11 10.43
CA TYR A 192 5.16 19.41 11.10
C TYR A 192 6.23 19.27 12.19
N MET A 193 6.92 20.32 12.46
CA MET A 193 8.00 20.30 13.40
C MET A 193 7.87 21.43 14.38
N CYS A 194 8.12 21.17 15.65
CA CYS A 194 8.25 22.21 16.65
C CYS A 194 9.45 21.87 17.52
N ARG A 195 10.36 22.83 17.64
CA ARG A 195 11.51 22.71 18.48
C ARG A 195 11.13 23.51 19.71
N VAL A 196 11.02 22.82 20.84
CA VAL A 196 10.53 23.48 22.05
C VAL A 196 11.25 23.05 23.33
N LYS A 197 11.28 24.00 24.29
CA LYS A 197 11.83 23.83 25.58
C LYS A 197 10.69 23.68 26.59
N THR A 198 10.79 22.67 27.43
CA THR A 198 9.94 22.59 28.61
C THR A 198 10.27 23.81 29.44
N LEU A 199 9.29 24.37 30.09
CA LEU A 199 9.54 25.54 30.93
C LEU A 199 10.47 25.20 32.11
N PRO A 200 11.20 26.21 32.65
CA PRO A 200 12.02 25.95 33.84
C PRO A 200 11.13 25.70 35.05
N ASP A 201 11.64 24.97 36.04
CA ASP A 201 10.81 24.62 37.21
C ASP A 201 11.16 25.48 38.42
N ARG A 202 10.34 26.48 38.66
CA ARG A 202 10.59 27.49 39.67
C ARG A 202 9.79 27.26 40.97
N THR A 203 8.90 26.27 40.97
CA THR A 203 8.08 25.96 42.15
C THR A 203 8.74 24.83 42.94
N TRP A 204 8.19 24.56 44.15
CA TRP A 204 8.67 23.47 45.01
C TRP A 204 7.86 22.19 45.03
N THR A 205 7.21 21.89 43.91
CA THR A 205 6.32 20.73 43.84
C THR A 205 7.03 19.43 43.43
N GLY A 206 8.15 19.52 42.77
CA GLY A 206 8.69 18.39 42.01
C GLY A 206 7.65 17.39 41.58
N GLN B 1 -7.10 -6.00 11.59
CA GLN B 1 -7.38 -5.35 10.24
C GLN B 1 -7.46 -6.29 9.04
N GLU B 2 -8.70 -6.42 8.57
CA GLU B 2 -9.09 -7.33 7.51
C GLU B 2 -10.09 -6.60 6.59
N PHE B 3 -10.52 -7.24 5.49
CA PHE B 3 -11.70 -6.81 4.76
C PHE B 3 -12.96 -7.41 5.41
N HIS B 4 -14.00 -6.59 5.60
CA HIS B 4 -15.26 -7.09 6.06
C HIS B 4 -16.31 -6.73 5.04
N PHE B 5 -16.61 -7.67 4.15
CA PHE B 5 -17.70 -7.50 3.20
C PHE B 5 -18.98 -8.10 3.81
N GLY B 6 -19.67 -7.30 4.60
CA GLY B 6 -20.80 -7.78 5.36
C GLY B 6 -20.22 -8.88 6.26
N PRO B 7 -20.76 -10.09 6.19
CA PRO B 7 -20.26 -11.08 7.16
C PRO B 7 -18.98 -11.79 6.76
N CYS B 8 -18.62 -11.78 5.50
CA CYS B 8 -17.34 -12.40 5.08
C CYS B 8 -16.10 -11.58 5.46
N GLN B 9 -15.21 -12.20 6.22
CA GLN B 9 -13.94 -11.63 6.60
C GLN B 9 -12.84 -12.18 5.75
N VAL B 10 -11.97 -11.33 5.23
CA VAL B 10 -10.85 -11.69 4.42
C VAL B 10 -9.55 -11.19 5.06
N LYS B 11 -8.64 -12.12 5.40
CA LYS B 11 -7.31 -11.84 5.97
C LYS B 11 -6.20 -12.08 4.98
N GLY B 12 -5.02 -11.61 5.34
CA GLY B 12 -3.81 -11.88 4.63
C GLY B 12 -3.62 -11.03 3.38
N VAL B 13 -4.47 -10.06 3.11
CA VAL B 13 -4.38 -9.22 1.81
C VAL B 13 -4.24 -7.75 2.27
N VAL B 14 -3.13 -7.14 1.91
CA VAL B 14 -2.71 -5.81 2.40
C VAL B 14 -3.06 -4.77 1.26
N PRO B 15 -4.05 -3.91 1.47
CA PRO B 15 -4.40 -2.94 0.40
C PRO B 15 -3.26 -2.15 -0.24
N GLN B 16 -2.32 -1.64 0.55
CA GLN B 16 -1.21 -0.87 -0.01
C GLN B 16 -0.33 -1.70 -0.87
N LYS B 17 -0.29 -3.01 -0.65
CA LYS B 17 0.53 -3.86 -1.56
C LYS B 17 -0.17 -4.05 -2.88
N LEU B 18 -1.48 -4.10 -2.86
CA LEU B 18 -2.24 -4.14 -4.15
C LEU B 18 -2.01 -2.85 -4.97
N TRP B 19 -1.94 -1.71 -4.29
CA TRP B 19 -1.62 -0.48 -4.96
C TRP B 19 -0.26 -0.47 -5.49
N GLU B 20 0.70 -0.94 -4.69
CA GLU B 20 2.06 -0.90 -5.13
C GLU B 20 2.15 -1.70 -6.49
N ALA B 21 1.53 -2.87 -6.56
CA ALA B 21 1.53 -3.62 -7.80
C ALA B 21 0.87 -2.85 -8.95
N PHE B 22 -0.32 -2.33 -8.73
CA PHE B 22 -1.00 -1.64 -9.81
C PHE B 22 -0.27 -0.35 -10.23
N TRP B 23 0.16 0.44 -9.29
CA TRP B 23 0.91 1.68 -9.66
C TRP B 23 2.24 1.43 -10.43
N ALA B 24 2.86 0.24 -10.31
CA ALA B 24 4.05 -0.06 -11.21
C ALA B 24 3.72 0.00 -12.71
N VAL B 25 2.48 -0.29 -13.07
CA VAL B 25 2.02 -0.42 -14.44
C VAL B 25 0.83 0.47 -14.82
N LYS B 26 0.20 1.16 -13.88
CA LYS B 26 -0.99 1.96 -14.14
C LYS B 26 -0.87 2.89 -15.36
N ASP B 27 0.27 3.54 -15.51
CA ASP B 27 0.33 4.55 -16.59
C ASP B 27 0.30 3.99 -18.01
N THR B 28 1.05 2.92 -18.19
CA THR B 28 1.18 2.25 -19.44
C THR B 28 -0.22 1.61 -19.80
N MET B 29 -0.92 1.06 -18.80
CA MET B 29 -2.21 0.39 -19.00
C MET B 29 -3.30 1.40 -19.30
N GLN B 30 -3.31 2.52 -18.56
CA GLN B 30 -4.29 3.57 -18.81
C GLN B 30 -4.02 4.26 -20.17
N ALA B 31 -2.76 4.52 -20.48
CA ALA B 31 -2.40 5.14 -21.78
C ALA B 31 -2.90 4.28 -22.92
N GLN B 32 -2.85 2.97 -22.78
CA GLN B 32 -3.28 2.06 -23.86
C GLN B 32 -4.78 1.99 -24.15
N ASP B 33 -5.61 2.32 -23.18
CA ASP B 33 -7.05 2.35 -23.33
C ASP B 33 -7.35 3.69 -23.98
N GLN B 34 -7.58 3.69 -25.28
CA GLN B 34 -7.74 4.92 -26.03
C GLN B 34 -9.14 5.46 -25.98
N ILE B 35 -10.05 4.77 -25.27
CA ILE B 35 -11.46 5.18 -25.17
C ILE B 35 -11.76 5.93 -23.88
N THR B 36 -11.52 7.24 -23.89
CA THR B 36 -11.79 8.09 -22.73
C THR B 36 -13.28 8.35 -22.44
N SER B 37 -14.15 7.97 -23.38
CA SER B 37 -15.56 8.24 -23.36
C SER B 37 -16.36 7.19 -22.63
N ALA B 38 -15.76 6.05 -22.31
CA ALA B 38 -16.55 4.98 -21.65
C ALA B 38 -15.81 4.36 -20.48
N ARG B 39 -16.58 4.09 -19.42
CA ARG B 39 -16.14 3.57 -18.16
C ARG B 39 -16.97 2.34 -17.86
N LEU B 40 -16.36 1.20 -17.57
CA LEU B 40 -17.10 -0.07 -17.33
C LEU B 40 -17.57 -0.18 -15.91
N LEU B 41 -16.69 0.11 -14.95
CA LEU B 41 -17.10 0.07 -13.56
C LEU B 41 -17.69 1.38 -13.25
N GLN B 42 -18.92 1.56 -13.66
CA GLN B 42 -19.51 2.85 -13.58
C GLN B 42 -20.01 3.04 -12.13
N GLN B 43 -20.36 4.29 -11.80
CA GLN B 43 -20.94 4.69 -10.55
C GLN B 43 -22.13 3.83 -10.09
N GLU B 44 -23.07 3.56 -11.01
CA GLU B 44 -24.25 2.71 -10.75
C GLU B 44 -23.87 1.32 -10.22
N VAL B 45 -22.74 0.78 -10.67
CA VAL B 45 -22.26 -0.52 -10.24
C VAL B 45 -21.89 -0.44 -8.74
N LEU B 46 -21.18 0.62 -8.31
CA LEU B 46 -20.47 0.61 -7.01
C LEU B 46 -20.89 1.61 -5.99
N GLN B 47 -21.86 2.43 -6.29
CA GLN B 47 -22.27 3.51 -5.39
C GLN B 47 -23.21 2.90 -4.37
N GLN B 48 -22.92 3.11 -3.09
CA GLN B 48 -23.78 2.72 -1.96
C GLN B 48 -24.25 1.26 -2.09
N VAL B 49 -23.31 0.36 -2.29
CA VAL B 49 -23.55 -1.06 -2.14
C VAL B 49 -23.74 -1.35 -0.63
N SER B 50 -24.81 -2.00 -0.27
CA SER B 50 -25.06 -2.31 1.13
C SER B 50 -24.02 -3.33 1.58
N ASP B 51 -23.83 -3.40 2.89
CA ASP B 51 -22.93 -4.37 3.51
C ASP B 51 -23.36 -5.79 3.09
N ALA B 52 -24.66 -6.06 3.06
CA ALA B 52 -25.17 -7.40 2.81
C ALA B 52 -24.97 -7.78 1.31
N GLU B 53 -25.08 -6.78 0.43
CA GLU B 53 -24.72 -6.97 -0.99
C GLU B 53 -23.29 -7.29 -1.25
N SER B 54 -22.41 -6.69 -0.45
CA SER B 54 -21.03 -6.42 -0.83
C SER B 54 -20.28 -7.71 -1.12
N CYS B 55 -20.52 -8.71 -0.29
CA CYS B 55 -19.89 -10.00 -0.46
C CYS B 55 -20.18 -10.72 -1.79
N TYR B 56 -21.44 -10.71 -2.18
CA TYR B 56 -21.86 -11.29 -3.48
C TYR B 56 -21.31 -10.50 -4.67
N LEU B 57 -21.34 -9.18 -4.58
CA LEU B 57 -20.78 -8.36 -5.67
C LEU B 57 -19.29 -8.57 -5.81
N VAL B 58 -18.56 -8.54 -4.69
CA VAL B 58 -17.10 -8.70 -4.78
C VAL B 58 -16.72 -10.11 -5.34
N HIS B 59 -17.45 -11.14 -4.92
CA HIS B 59 -17.19 -12.46 -5.45
C HIS B 59 -17.33 -12.49 -6.97
N THR B 60 -18.42 -11.94 -7.48
CA THR B 60 -18.73 -11.97 -8.90
C THR B 60 -17.73 -11.13 -9.76
N LEU B 61 -17.41 -9.96 -9.28
CA LEU B 61 -16.45 -9.11 -9.96
C LEU B 61 -15.06 -9.73 -10.02
N LEU B 62 -14.56 -10.22 -8.86
CA LEU B 62 -13.25 -10.84 -8.83
C LEU B 62 -13.23 -12.07 -9.71
N GLU B 63 -14.29 -12.87 -9.72
CA GLU B 63 -14.24 -14.09 -10.54
C GLU B 63 -14.16 -13.78 -11.98
N PHE B 64 -14.82 -12.70 -12.37
CA PHE B 64 -14.80 -12.27 -13.72
C PHE B 64 -13.35 -11.83 -14.03
N TYR B 65 -12.77 -10.99 -13.17
CA TYR B 65 -11.33 -10.61 -13.34
C TYR B 65 -10.36 -11.85 -13.47
N LEU B 66 -10.53 -12.84 -12.60
CA LEU B 66 -9.73 -14.06 -12.66
C LEU B 66 -9.90 -14.88 -13.93
N LYS B 67 -11.15 -15.21 -14.26
CA LYS B 67 -11.53 -16.09 -15.39
C LYS B 67 -11.40 -15.41 -16.78
N THR B 68 -11.71 -14.13 -16.87
CA THR B 68 -11.72 -13.47 -18.13
C THR B 68 -10.57 -12.53 -18.28
N VAL B 69 -10.51 -11.52 -17.43
CA VAL B 69 -9.61 -10.36 -17.69
C VAL B 69 -8.14 -10.71 -17.54
N PHE B 70 -7.75 -11.22 -16.37
CA PHE B 70 -6.33 -11.58 -16.13
C PHE B 70 -5.83 -12.75 -16.92
N LYS B 71 -6.70 -13.67 -17.23
CA LYS B 71 -6.32 -14.81 -17.98
C LYS B 71 -5.91 -14.39 -19.40
N ASN B 72 -6.73 -13.56 -20.04
CA ASN B 72 -6.44 -13.10 -21.39
C ASN B 72 -5.29 -12.11 -21.38
N HIS B 73 -5.17 -11.33 -20.31
CA HIS B 73 -3.97 -10.48 -20.15
C HIS B 73 -2.66 -11.28 -20.12
N HIS B 74 -2.66 -12.35 -19.32
CA HIS B 74 -1.51 -13.26 -19.16
C HIS B 74 -1.16 -13.89 -20.49
N GLN B 75 -2.20 -14.28 -21.23
CA GLN B 75 -2.02 -14.96 -22.48
C GLN B 75 -1.44 -14.00 -23.55
N ARG B 76 -1.62 -12.68 -23.42
CA ARG B 76 -1.27 -11.74 -24.55
C ARG B 76 -0.06 -10.82 -24.23
N THR B 77 0.28 -10.55 -22.96
CA THR B 77 1.23 -9.45 -22.67
C THR B 77 2.59 -9.72 -23.21
N VAL B 78 3.22 -8.67 -23.70
CA VAL B 78 4.60 -8.76 -24.12
C VAL B 78 5.51 -7.92 -23.24
N GLU B 79 4.98 -7.42 -22.13
CA GLU B 79 5.82 -6.72 -21.18
C GLU B 79 5.92 -7.45 -19.79
N VAL B 80 7.11 -7.89 -19.45
CA VAL B 80 7.32 -8.68 -18.24
C VAL B 80 6.79 -7.96 -16.96
N ARG B 81 6.89 -6.62 -16.90
CA ARG B 81 6.47 -5.88 -15.73
C ARG B 81 4.96 -5.89 -15.55
N THR B 82 4.20 -5.97 -16.62
CA THR B 82 2.77 -6.09 -16.45
C THR B 82 2.40 -7.58 -16.11
N LEU B 83 3.14 -8.54 -16.66
CA LEU B 83 2.99 -9.93 -16.25
C LEU B 83 3.19 -10.09 -14.72
N LYS B 84 4.19 -9.41 -14.16
CA LYS B 84 4.51 -9.52 -12.75
C LYS B 84 3.50 -8.78 -11.93
N SER B 85 3.13 -7.58 -12.33
CA SER B 85 2.14 -6.79 -11.54
C SER B 85 0.76 -7.43 -11.54
N PHE B 86 0.28 -7.84 -12.71
CA PHE B 86 -1.00 -8.55 -12.71
C PHE B 86 -0.98 -9.92 -12.06
N SER B 87 0.19 -10.57 -11.98
CA SER B 87 0.30 -11.87 -11.22
C SER B 87 0.04 -11.55 -9.76
N THR B 88 0.65 -10.47 -9.27
CA THR B 88 0.49 -10.07 -7.88
C THR B 88 -0.97 -9.81 -7.59
N LEU B 89 -1.63 -9.04 -8.46
CA LEU B 89 -3.03 -8.76 -8.21
C LEU B 89 -3.89 -10.06 -8.35
N ALA B 90 -3.62 -10.88 -9.34
CA ALA B 90 -4.48 -12.03 -9.58
C ALA B 90 -4.29 -13.01 -8.39
N ASN B 91 -3.06 -13.20 -7.94
CA ASN B 91 -2.82 -14.05 -6.79
C ASN B 91 -3.46 -13.60 -5.51
N ASN B 92 -3.45 -12.30 -5.24
CA ASN B 92 -4.15 -11.78 -4.08
C ASN B 92 -5.68 -11.90 -4.29
N PHE B 93 -6.16 -11.68 -5.50
CA PHE B 93 -7.62 -11.88 -5.77
C PHE B 93 -8.08 -13.34 -5.54
N VAL B 94 -7.24 -14.29 -5.92
CA VAL B 94 -7.46 -15.70 -5.58
C VAL B 94 -7.59 -15.86 -4.05
N LEU B 95 -6.71 -15.21 -3.28
CA LEU B 95 -6.78 -15.39 -1.85
C LEU B 95 -8.09 -14.77 -1.28
N ILE B 96 -8.53 -13.64 -1.85
CA ILE B 96 -9.80 -12.97 -1.41
C ILE B 96 -10.96 -13.92 -1.67
N VAL B 97 -11.05 -14.42 -2.89
CA VAL B 97 -12.16 -15.28 -3.32
C VAL B 97 -12.22 -16.52 -2.50
N SER B 98 -11.11 -17.09 -2.03
CA SER B 98 -11.18 -18.32 -1.25
C SER B 98 -11.79 -18.09 0.07
N GLN B 99 -11.85 -16.84 0.53
CA GLN B 99 -12.38 -16.54 1.87
C GLN B 99 -13.84 -16.05 1.84
N LEU B 100 -14.51 -16.12 0.70
CA LEU B 100 -15.86 -15.60 0.58
C LEU B 100 -16.82 -16.76 0.56
N GLN B 101 -17.48 -16.96 1.69
CA GLN B 101 -18.54 -17.95 1.79
C GLN B 101 -19.86 -17.28 2.21
N PRO B 102 -20.42 -16.42 1.37
CA PRO B 102 -21.71 -15.83 1.72
C PRO B 102 -22.92 -16.84 1.79
N SER B 103 -23.98 -16.50 2.51
CA SER B 103 -25.09 -17.39 2.70
C SER B 103 -25.79 -17.73 1.37
N GLN B 104 -26.10 -19.00 1.21
CA GLN B 104 -26.87 -19.52 0.08
C GLN B 104 -28.31 -19.85 0.48
N GLU B 105 -28.85 -19.30 1.58
CA GLU B 105 -30.24 -19.59 1.92
C GLU B 105 -31.24 -18.62 1.20
N ASN B 106 -32.45 -19.07 1.04
CA ASN B 106 -33.50 -18.36 0.28
C ASN B 106 -33.81 -16.91 0.75
N GLU B 107 -33.74 -16.62 2.07
CA GLU B 107 -34.02 -15.24 2.58
C GLU B 107 -33.03 -14.24 2.02
N MET B 108 -31.92 -14.70 1.48
CA MET B 108 -30.95 -13.80 0.81
C MET B 108 -31.16 -13.58 -0.70
N PHE B 109 -32.15 -14.21 -1.30
CA PHE B 109 -32.31 -14.17 -2.77
C PHE B 109 -32.36 -12.74 -3.42
N SER B 110 -33.09 -11.82 -2.80
CA SER B 110 -33.36 -10.50 -3.39
C SER B 110 -32.18 -9.62 -3.16
N ILE B 111 -31.42 -9.90 -2.10
CA ILE B 111 -30.14 -9.23 -1.94
C ILE B 111 -29.11 -9.68 -2.99
N ARG B 112 -28.99 -11.00 -3.24
CA ARG B 112 -28.08 -11.44 -4.32
C ARG B 112 -28.50 -10.94 -5.69
N ASP B 113 -29.82 -10.88 -5.94
CA ASP B 113 -30.35 -10.32 -7.16
C ASP B 113 -29.86 -8.85 -7.33
N SER B 114 -30.03 -7.99 -6.31
CA SER B 114 -29.50 -6.59 -6.37
C SER B 114 -28.03 -6.59 -6.68
N ALA B 115 -27.27 -7.47 -6.04
CA ALA B 115 -25.86 -7.51 -6.32
C ALA B 115 -25.59 -7.98 -7.74
N HIS B 116 -26.27 -9.02 -8.17
CA HIS B 116 -26.08 -9.49 -9.55
C HIS B 116 -26.48 -8.43 -10.60
N ARG B 117 -27.54 -7.65 -10.32
CA ARG B 117 -27.96 -6.49 -11.13
C ARG B 117 -26.81 -5.51 -11.38
N ARG B 118 -26.10 -5.15 -10.30
CA ARG B 118 -24.96 -4.26 -10.40
C ARG B 118 -23.87 -4.86 -11.26
N PHE B 119 -23.54 -6.13 -10.99
CA PHE B 119 -22.60 -6.85 -11.85
C PHE B 119 -23.02 -6.83 -13.36
N LEU B 120 -24.29 -7.02 -13.64
CA LEU B 120 -24.72 -7.14 -15.04
C LEU B 120 -24.64 -5.79 -15.78
N LEU B 121 -24.76 -4.66 -15.04
CA LEU B 121 -24.51 -3.32 -15.58
C LEU B 121 -23.06 -3.22 -16.03
N PHE B 122 -22.13 -3.67 -15.19
CA PHE B 122 -20.73 -3.75 -15.62
C PHE B 122 -20.58 -4.68 -16.83
N ARG B 123 -21.12 -5.87 -16.75
CA ARG B 123 -20.96 -6.82 -17.87
C ARG B 123 -21.48 -6.33 -19.23
N ARG B 124 -22.64 -5.67 -19.22
CA ARG B 124 -23.20 -5.14 -20.41
C ARG B 124 -22.29 -4.08 -21.03
N ALA B 125 -21.74 -3.20 -20.20
CA ALA B 125 -20.84 -2.12 -20.69
C ALA B 125 -19.58 -2.72 -21.37
N PHE B 126 -19.07 -3.77 -20.74
CA PHE B 126 -17.92 -4.54 -21.22
C PHE B 126 -18.20 -5.15 -22.59
N LYS B 127 -19.37 -5.75 -22.77
CA LYS B 127 -19.70 -6.40 -24.08
C LYS B 127 -20.08 -5.47 -25.20
N GLN B 128 -20.34 -4.21 -24.90
CA GLN B 128 -20.53 -3.18 -25.91
C GLN B 128 -19.29 -2.75 -26.62
N LEU B 129 -18.14 -3.04 -26.06
CA LEU B 129 -16.86 -2.71 -26.69
C LEU B 129 -16.30 -3.87 -27.52
N ASP B 130 -15.47 -3.61 -28.53
CA ASP B 130 -14.71 -4.70 -29.14
C ASP B 130 -13.93 -5.42 -28.05
N VAL B 131 -13.69 -6.71 -28.26
CA VAL B 131 -13.08 -7.49 -27.20
C VAL B 131 -11.63 -7.11 -26.79
N GLU B 132 -10.67 -6.89 -27.73
CA GLU B 132 -9.33 -6.32 -27.40
C GLU B 132 -9.49 -5.01 -26.59
N ALA B 133 -10.39 -4.11 -27.00
CA ALA B 133 -10.61 -2.84 -26.28
C ALA B 133 -11.24 -3.05 -24.91
N ALA B 134 -12.18 -3.99 -24.74
CA ALA B 134 -12.76 -4.21 -23.43
C ALA B 134 -11.78 -4.81 -22.43
N LEU B 135 -10.88 -5.66 -22.89
CA LEU B 135 -9.89 -6.25 -22.02
C LEU B 135 -8.95 -5.16 -21.45
N THR B 136 -8.42 -4.35 -22.36
CA THR B 136 -7.47 -3.24 -22.08
C THR B 136 -8.14 -2.32 -21.08
N LYS B 137 -9.38 -1.97 -21.34
CA LYS B 137 -10.07 -1.07 -20.43
C LYS B 137 -10.27 -1.67 -19.03
N ALA B 138 -10.73 -2.92 -19.00
CA ALA B 138 -10.92 -3.58 -17.68
C ALA B 138 -9.63 -3.73 -16.88
N LEU B 139 -8.50 -3.86 -17.56
CA LEU B 139 -7.19 -3.92 -16.88
C LEU B 139 -6.90 -2.59 -16.25
N GLY B 140 -7.07 -1.54 -17.05
CA GLY B 140 -6.76 -0.20 -16.59
C GLY B 140 -7.71 0.36 -15.56
N GLU B 141 -8.85 -0.30 -15.35
CA GLU B 141 -9.87 0.06 -14.33
C GLU B 141 -9.76 -0.69 -12.99
N VAL B 142 -8.73 -1.49 -12.85
CA VAL B 142 -8.50 -2.22 -11.61
C VAL B 142 -8.49 -1.31 -10.40
N ASP B 143 -8.00 -0.10 -10.62
CA ASP B 143 -7.96 0.89 -9.58
C ASP B 143 -9.33 1.23 -9.04
N ILE B 144 -10.34 1.24 -9.91
CA ILE B 144 -11.69 1.59 -9.45
C ILE B 144 -12.12 0.47 -8.51
N LEU B 145 -11.81 -0.76 -8.89
CA LEU B 145 -12.15 -1.94 -8.08
C LEU B 145 -11.42 -1.95 -6.71
N LEU B 146 -10.12 -1.69 -6.70
CA LEU B 146 -9.36 -1.57 -5.44
C LEU B 146 -9.85 -0.49 -4.50
N THR B 147 -10.19 0.65 -5.11
CA THR B 147 -10.68 1.81 -4.33
C THR B 147 -12.01 1.46 -3.63
N TRP B 148 -12.91 0.78 -4.36
CA TRP B 148 -14.16 0.35 -3.75
C TRP B 148 -13.95 -0.69 -2.59
N MET B 149 -13.18 -1.71 -2.85
CA MET B 149 -12.88 -2.76 -1.85
C MET B 149 -12.29 -2.28 -0.57
N GLN B 150 -11.33 -1.40 -0.67
CA GLN B 150 -10.72 -0.67 0.46
C GLN B 150 -11.66 -0.02 1.44
N LYS B 151 -12.85 0.37 0.98
CA LYS B 151 -13.86 0.95 1.89
C LYS B 151 -14.31 0.00 2.98
N PHE B 152 -14.13 -1.31 2.72
CA PHE B 152 -14.50 -2.39 3.61
C PHE B 152 -13.34 -2.90 4.45
N TYR B 153 -12.16 -2.29 4.35
CA TYR B 153 -11.02 -2.67 5.14
C TYR B 153 -11.10 -1.92 6.43
N LYS B 154 -11.31 -2.63 7.54
CA LYS B 154 -11.67 -2.03 8.84
C LYS B 154 -11.31 -2.96 10.01
N LEU B 155 -11.77 -2.69 11.22
CA LEU B 155 -11.51 -3.56 12.40
C LEU B 155 -12.48 -4.75 12.53
N LEU C 1 23.74 -31.12 -20.41
CA LEU C 1 23.66 -30.53 -19.02
C LEU C 1 22.62 -31.23 -18.16
N PRO C 2 23.07 -31.92 -17.09
CA PRO C 2 22.19 -32.35 -15.99
C PRO C 2 21.30 -31.22 -15.45
N ALA C 3 20.02 -31.49 -15.15
CA ALA C 3 19.21 -30.45 -14.45
C ALA C 3 19.63 -30.37 -12.98
N PRO C 4 19.45 -29.19 -12.37
CA PRO C 4 19.74 -29.07 -10.93
C PRO C 4 18.76 -29.92 -10.10
N GLN C 5 19.21 -30.46 -8.97
CA GLN C 5 18.47 -31.40 -8.14
C GLN C 5 18.43 -30.83 -6.72
N ASN C 6 17.62 -31.47 -5.87
CA ASN C 6 17.52 -31.14 -4.45
C ASN C 6 17.05 -29.68 -4.25
N LEU C 7 15.95 -29.33 -4.90
CA LEU C 7 15.40 -28.01 -4.77
C LEU C 7 14.67 -27.90 -3.47
N SER C 8 14.94 -26.80 -2.75
CA SER C 8 14.17 -26.47 -1.56
C SER C 8 14.11 -24.93 -1.34
N VAL C 9 13.15 -24.48 -0.54
CA VAL C 9 13.07 -23.09 -0.12
C VAL C 9 13.39 -22.99 1.38
N LEU C 10 14.41 -22.23 1.75
CA LEU C 10 14.61 -21.74 3.09
C LEU C 10 13.99 -20.32 3.24
N SER C 11 12.97 -20.22 4.06
CA SER C 11 12.28 -18.99 4.28
C SER C 11 12.37 -18.65 5.74
N THR C 12 13.07 -17.54 5.99
CA THR C 12 13.40 -17.02 7.30
C THR C 12 12.92 -15.56 7.38
N ASN C 13 12.08 -15.26 8.38
CA ASN C 13 11.53 -13.88 8.62
C ASN C 13 11.10 -13.16 7.29
N MET C 14 10.27 -13.83 6.52
CA MET C 14 9.78 -13.32 5.18
C MET C 14 10.80 -13.08 4.13
N LYS C 15 12.03 -13.59 4.30
CA LYS C 15 13.00 -13.66 3.19
C LYS C 15 13.04 -15.08 2.60
N HIS C 16 12.70 -15.26 1.33
CA HIS C 16 12.63 -16.59 0.75
C HIS C 16 13.75 -16.88 -0.23
N LEU C 17 14.55 -17.89 0.14
CA LEU C 17 15.71 -18.33 -0.63
C LEU C 17 15.43 -19.67 -1.32
N LEU C 18 15.42 -19.72 -2.64
CA LEU C 18 15.36 -21.00 -3.36
C LEU C 18 16.78 -21.51 -3.49
N MET C 19 16.99 -22.83 -3.39
CA MET C 19 18.37 -23.47 -3.26
C MET C 19 18.33 -24.79 -3.95
N TRP C 20 19.46 -25.18 -4.51
CA TRP C 20 19.58 -26.43 -5.24
C TRP C 20 21.04 -26.87 -5.15
N SER C 21 21.32 -28.13 -5.48
CA SER C 21 22.71 -28.59 -5.59
C SER C 21 23.30 -28.08 -6.91
N PRO C 22 24.58 -27.72 -6.91
CA PRO C 22 25.15 -27.22 -8.14
C PRO C 22 25.32 -28.31 -9.17
N VAL C 23 25.15 -27.95 -10.43
CA VAL C 23 25.37 -28.87 -11.52
C VAL C 23 26.86 -28.89 -11.83
N ILE C 24 27.39 -30.10 -12.00
CA ILE C 24 28.81 -30.34 -12.15
C ILE C 24 29.23 -30.05 -13.59
N ALA C 25 30.27 -29.24 -13.77
CA ALA C 25 30.73 -28.87 -15.11
C ALA C 25 32.20 -28.43 -15.10
N PRO C 26 33.11 -29.37 -14.75
CA PRO C 26 34.54 -28.99 -14.75
C PRO C 26 34.88 -28.41 -16.13
N GLY C 27 35.56 -27.26 -16.17
CA GLY C 27 35.66 -26.42 -17.38
C GLY C 27 35.15 -25.00 -17.21
N GLU C 28 33.83 -24.80 -17.40
CA GLU C 28 33.16 -23.49 -17.49
C GLU C 28 32.28 -23.26 -16.28
N THR C 29 31.83 -22.03 -16.04
CA THR C 29 31.02 -21.79 -14.87
C THR C 29 29.56 -21.83 -15.26
N VAL C 30 28.79 -22.55 -14.48
CA VAL C 30 27.38 -22.76 -14.77
C VAL C 30 26.56 -21.57 -14.27
N TYR C 31 25.60 -21.17 -15.11
CA TYR C 31 24.56 -20.19 -14.72
C TYR C 31 23.18 -20.84 -14.54
N TYR C 32 22.32 -20.20 -13.76
CA TYR C 32 21.01 -20.78 -13.48
C TYR C 32 19.92 -19.76 -13.82
N SER C 33 18.73 -20.21 -14.21
CA SER C 33 17.54 -19.31 -14.36
C SER C 33 16.40 -19.86 -13.56
N VAL C 34 15.73 -18.96 -12.83
CA VAL C 34 14.57 -19.34 -12.05
C VAL C 34 13.25 -18.74 -12.59
N GLU C 35 12.18 -19.53 -12.63
CA GLU C 35 10.85 -19.02 -12.96
C GLU C 35 9.82 -19.50 -11.94
N TYR C 36 8.66 -18.82 -11.86
CA TYR C 36 7.62 -19.15 -10.86
C TYR C 36 6.25 -19.00 -11.43
N GLN C 37 5.30 -19.62 -10.75
CA GLN C 37 3.88 -19.42 -10.91
C GLN C 37 3.28 -19.27 -9.53
N GLY C 38 2.39 -18.31 -9.36
CA GLY C 38 1.55 -18.28 -8.16
C GLY C 38 0.46 -19.29 -8.39
N GLU C 39 -0.35 -19.49 -7.39
CA GLU C 39 -1.53 -20.31 -7.51
C GLU C 39 -2.50 -19.86 -8.61
N TYR C 40 -2.65 -18.55 -8.82
CA TYR C 40 -3.42 -18.13 -9.90
C TYR C 40 -2.92 -18.86 -11.20
N GLU C 41 -1.64 -18.73 -11.53
CA GLU C 41 -1.16 -19.22 -12.79
C GLU C 41 -1.26 -20.77 -12.84
N SER C 42 -0.97 -21.37 -11.70
CA SER C 42 -1.06 -22.77 -11.46
C SER C 42 -2.44 -23.32 -11.83
N LEU C 43 -3.49 -22.67 -11.39
CA LEU C 43 -4.89 -23.06 -11.67
C LEU C 43 -5.55 -22.50 -12.95
N TYR C 44 -5.17 -21.37 -13.47
CA TYR C 44 -5.95 -20.78 -14.54
C TYR C 44 -5.12 -20.63 -15.83
N THR C 45 -3.78 -20.65 -15.76
CA THR C 45 -2.89 -20.40 -16.88
C THR C 45 -1.65 -21.28 -16.64
N SER C 46 -1.87 -22.60 -16.53
CA SER C 46 -0.83 -23.48 -16.03
C SER C 46 0.40 -23.59 -16.91
N HIS C 47 0.29 -23.10 -18.14
CA HIS C 47 1.38 -23.14 -19.09
C HIS C 47 2.27 -21.93 -19.01
N ILE C 48 2.00 -21.02 -18.10
CA ILE C 48 2.75 -19.75 -18.09
C ILE C 48 3.60 -19.68 -16.84
N TRP C 49 4.90 -19.50 -17.04
CA TRP C 49 5.86 -19.28 -15.99
C TRP C 49 6.44 -17.90 -16.15
N ILE C 50 6.67 -17.26 -15.02
CA ILE C 50 7.13 -15.88 -15.02
C ILE C 50 8.61 -15.80 -14.60
N PRO C 51 9.40 -14.98 -15.30
CA PRO C 51 10.79 -14.82 -14.88
C PRO C 51 10.93 -14.21 -13.53
N SER C 52 11.86 -14.74 -12.75
CA SER C 52 12.21 -14.24 -11.46
C SER C 52 12.76 -12.81 -11.59
N SER C 53 12.58 -12.01 -10.55
CA SER C 53 13.07 -10.62 -10.58
C SER C 53 14.60 -10.57 -10.67
N TRP C 54 15.29 -11.31 -9.81
CA TRP C 54 16.76 -11.22 -9.70
C TRP C 54 17.56 -12.41 -10.17
N CYS C 55 16.91 -13.40 -10.81
CA CYS C 55 17.61 -14.62 -11.23
C CYS C 55 17.35 -15.14 -12.61
N SER C 56 17.77 -14.37 -13.59
CA SER C 56 17.90 -14.89 -14.92
C SER C 56 19.41 -14.86 -15.14
N LEU C 57 19.98 -16.00 -15.50
CA LEU C 57 21.43 -16.17 -15.63
C LEU C 57 22.31 -15.78 -14.37
N THR C 58 21.71 -15.77 -13.15
CA THR C 58 22.43 -15.87 -11.85
C THR C 58 23.43 -17.04 -11.75
N GLU C 59 24.43 -16.91 -10.87
CA GLU C 59 25.60 -17.81 -10.85
C GLU C 59 25.59 -18.80 -9.69
N GLY C 60 25.35 -18.34 -8.47
CA GLY C 60 25.48 -19.23 -7.29
C GLY C 60 24.36 -20.25 -7.30
N PRO C 61 24.38 -21.25 -6.39
CA PRO C 61 23.33 -22.27 -6.38
C PRO C 61 22.06 -21.81 -5.57
N GLU C 62 21.70 -20.53 -5.66
CA GLU C 62 20.54 -20.01 -4.97
C GLU C 62 19.96 -18.74 -5.63
N CYS C 63 18.81 -18.31 -5.11
CA CYS C 63 18.09 -17.14 -5.62
C CYS C 63 17.18 -16.62 -4.52
N ASP C 64 17.36 -15.37 -4.16
CA ASP C 64 16.41 -14.65 -3.37
C ASP C 64 15.11 -14.31 -4.18
N VAL C 65 14.04 -15.09 -3.99
CA VAL C 65 12.79 -14.91 -4.70
C VAL C 65 11.81 -14.10 -3.87
N THR C 66 12.27 -13.43 -2.84
CA THR C 66 11.40 -12.65 -1.98
C THR C 66 10.47 -11.73 -2.77
N ASP C 67 11.02 -11.00 -3.71
CA ASP C 67 10.26 -10.04 -4.48
C ASP C 67 9.26 -10.64 -5.49
N ASP C 68 9.35 -11.94 -5.77
CA ASP C 68 8.42 -12.62 -6.63
C ASP C 68 7.25 -13.20 -5.85
N ILE C 69 7.44 -13.53 -4.57
CA ILE C 69 6.36 -14.10 -3.79
C ILE C 69 5.57 -12.94 -3.18
N THR C 70 4.38 -12.63 -3.72
CA THR C 70 3.71 -11.34 -3.37
C THR C 70 2.29 -11.54 -2.94
N ALA C 71 1.96 -12.79 -2.71
CA ALA C 71 0.71 -13.14 -2.10
C ALA C 71 0.87 -14.37 -1.15
N THR C 72 -0.02 -14.47 -0.19
CA THR C 72 -0.02 -15.60 0.77
C THR C 72 -0.86 -16.77 0.13
N VAL C 73 -0.28 -17.36 -0.91
CA VAL C 73 -0.80 -18.50 -1.61
C VAL C 73 0.42 -19.37 -2.01
N PRO C 74 0.19 -20.68 -2.35
CA PRO C 74 1.31 -21.52 -2.77
C PRO C 74 1.81 -21.15 -4.14
N TYR C 75 3.13 -21.21 -4.32
CA TYR C 75 3.86 -20.86 -5.50
C TYR C 75 4.67 -22.09 -5.96
N ASN C 76 4.66 -22.35 -7.25
CA ASN C 76 5.56 -23.23 -7.90
C ASN C 76 6.77 -22.45 -8.33
N LEU C 77 7.90 -23.12 -8.28
CA LEU C 77 9.18 -22.56 -8.68
C LEU C 77 9.92 -23.64 -9.49
N ARG C 78 10.62 -23.22 -10.54
CA ARG C 78 11.46 -24.11 -11.28
C ARG C 78 12.78 -23.46 -11.67
N VAL C 79 13.78 -24.27 -11.87
CA VAL C 79 15.12 -23.74 -12.13
C VAL C 79 15.82 -24.56 -13.19
N ARG C 80 16.65 -23.92 -13.99
CA ARG C 80 17.46 -24.68 -14.94
C ARG C 80 18.85 -24.11 -15.04
N ALA C 81 19.73 -24.89 -15.64
CA ALA C 81 21.11 -24.50 -15.77
C ALA C 81 21.41 -24.24 -17.22
N THR C 82 22.28 -23.26 -17.46
CA THR C 82 22.82 -22.91 -18.78
C THR C 82 24.37 -22.88 -18.79
N LEU C 83 24.88 -23.19 -19.98
CA LEU C 83 26.31 -23.29 -20.27
C LEU C 83 26.42 -23.12 -21.80
N GLY C 84 26.05 -21.92 -22.26
CA GLY C 84 26.05 -21.59 -23.69
C GLY C 84 24.79 -22.00 -24.45
N SER C 85 24.93 -22.92 -25.41
CA SER C 85 23.76 -23.51 -26.09
C SER C 85 23.01 -24.47 -25.15
N GLN C 86 23.79 -25.37 -24.52
CA GLN C 86 23.21 -26.34 -23.61
C GLN C 86 22.46 -25.63 -22.43
N THR C 87 21.13 -25.72 -22.47
CA THR C 87 20.28 -25.57 -21.31
C THR C 87 19.93 -26.96 -20.82
N SER C 88 19.85 -27.14 -19.50
CA SER C 88 19.27 -28.36 -18.93
C SER C 88 17.73 -28.35 -19.09
N ALA C 89 17.08 -29.43 -18.71
CA ALA C 89 15.65 -29.45 -18.62
C ALA C 89 15.27 -28.63 -17.36
N TRP C 90 13.99 -28.27 -17.19
CA TRP C 90 13.56 -27.55 -15.97
C TRP C 90 13.43 -28.53 -14.82
N SER C 91 13.81 -28.10 -13.61
CA SER C 91 13.55 -28.86 -12.39
C SER C 91 12.50 -28.09 -11.55
N ILE C 92 11.45 -28.79 -11.14
CA ILE C 92 10.36 -28.22 -10.45
C ILE C 92 10.48 -28.46 -8.96
N LEU C 93 10.31 -27.45 -8.14
CA LEU C 93 10.22 -27.65 -6.68
C LEU C 93 9.07 -28.64 -6.35
N LYS C 94 9.35 -29.63 -5.51
CA LYS C 94 8.48 -30.80 -5.30
C LYS C 94 7.18 -30.34 -4.62
N HIS C 95 7.31 -29.61 -3.50
CA HIS C 95 6.19 -29.05 -2.76
C HIS C 95 6.13 -27.56 -2.91
N PRO C 96 5.05 -27.06 -3.47
CA PRO C 96 4.82 -25.65 -3.69
C PRO C 96 5.05 -24.84 -2.40
N PHE C 97 5.65 -23.68 -2.52
CA PHE C 97 5.97 -22.85 -1.35
C PHE C 97 4.88 -21.75 -1.07
N ASN C 98 4.48 -21.64 0.18
CA ASN C 98 3.57 -20.70 0.70
C ASN C 98 4.29 -19.91 1.81
N ARG C 99 4.36 -18.58 1.66
CA ARG C 99 5.02 -17.77 2.68
C ARG C 99 4.34 -17.84 4.06
N GLN C 100 3.11 -18.31 4.19
CA GLN C 100 2.47 -18.61 5.47
C GLN C 100 3.40 -19.50 6.35
N SER C 101 4.24 -20.31 5.73
CA SER C 101 5.12 -21.18 6.46
C SER C 101 6.48 -20.56 6.73
N THR C 102 6.67 -19.24 6.55
CA THR C 102 7.99 -18.66 6.84
C THR C 102 8.44 -18.94 8.33
N ILE C 103 9.76 -19.00 8.59
CA ILE C 103 10.28 -19.24 9.95
C ILE C 103 10.38 -17.88 10.63
N LEU C 104 9.55 -17.65 11.62
CA LEU C 104 9.59 -16.37 12.39
C LEU C 104 10.42 -16.66 13.62
N THR C 105 11.55 -15.97 13.72
CA THR C 105 12.39 -16.12 14.89
C THR C 105 11.93 -15.13 15.95
N ARG C 106 12.34 -15.39 17.17
CA ARG C 106 12.31 -14.36 18.15
C ARG C 106 13.22 -13.11 17.79
N PRO C 107 12.67 -11.88 18.00
CA PRO C 107 13.43 -10.70 17.56
C PRO C 107 14.60 -10.43 18.46
N GLY C 108 15.72 -9.99 17.86
CA GLY C 108 16.85 -9.41 18.61
C GLY C 108 16.46 -8.03 19.14
N MET C 109 17.20 -7.52 20.09
CA MET C 109 16.63 -6.57 21.05
C MET C 109 17.70 -6.11 21.98
N GLU C 110 17.80 -4.80 22.15
CA GLU C 110 18.77 -4.21 23.05
C GLU C 110 18.10 -3.22 24.02
N ILE C 111 18.23 -3.47 25.33
CA ILE C 111 17.71 -2.58 26.35
C ILE C 111 18.80 -1.62 26.80
N THR C 112 18.38 -0.41 27.15
CA THR C 112 19.28 0.64 27.50
C THR C 112 18.48 1.54 28.49
N LYS C 113 19.18 2.41 29.24
CA LYS C 113 18.51 3.38 30.12
C LYS C 113 19.29 4.67 30.33
N ASP C 114 18.73 5.77 29.87
CA ASP C 114 19.27 7.07 30.12
C ASP C 114 18.60 7.53 31.42
N GLY C 115 19.34 7.40 32.54
CA GLY C 115 18.89 7.74 33.91
C GLY C 115 17.65 6.93 34.31
N PHE C 116 16.49 7.60 34.30
CA PHE C 116 15.20 7.01 34.72
C PHE C 116 14.37 6.36 33.60
N HIS C 117 14.57 6.76 32.34
CA HIS C 117 13.77 6.29 31.25
C HIS C 117 14.29 4.95 30.77
N LEU C 118 13.35 4.07 30.42
CA LEU C 118 13.64 2.76 29.90
C LEU C 118 13.47 2.79 28.38
N VAL C 119 14.46 2.31 27.63
CA VAL C 119 14.42 2.34 26.14
C VAL C 119 14.79 1.00 25.48
N ILE C 120 14.13 0.72 24.35
CA ILE C 120 14.26 -0.51 23.61
C ILE C 120 14.67 -0.15 22.18
N GLU C 121 15.46 -1.02 21.57
CA GLU C 121 15.82 -0.95 20.15
C GLU C 121 15.70 -2.34 19.57
N LEU C 122 14.70 -2.56 18.73
CA LEU C 122 14.53 -3.84 18.10
C LEU C 122 15.42 -3.93 16.89
N GLU C 123 15.46 -5.14 16.36
CA GLU C 123 16.22 -5.46 15.18
C GLU C 123 15.30 -5.14 13.99
N ASP C 124 15.85 -4.51 12.97
CA ASP C 124 15.08 -4.15 11.75
C ASP C 124 14.69 -5.31 10.85
N LEU C 125 13.58 -5.99 11.14
CA LEU C 125 13.11 -7.03 10.24
C LEU C 125 12.29 -6.58 8.97
N GLY C 126 12.14 -5.31 8.71
CA GLY C 126 11.36 -4.93 7.49
C GLY C 126 9.83 -4.63 7.62
N PRO C 127 9.27 -3.94 6.57
CA PRO C 127 7.88 -3.54 6.47
C PRO C 127 6.87 -4.67 6.76
N GLN C 128 7.23 -5.91 6.42
CA GLN C 128 6.35 -6.97 6.73
C GLN C 128 6.05 -7.10 8.23
N PHE C 129 6.81 -6.47 9.12
CA PHE C 129 6.73 -6.76 10.55
C PHE C 129 6.33 -5.62 11.46
N GLU C 130 5.39 -5.96 12.35
CA GLU C 130 5.09 -5.13 13.54
C GLU C 130 5.57 -5.87 14.84
N PHE C 131 6.00 -5.06 15.82
CA PHE C 131 6.58 -5.54 17.11
C PHE C 131 5.62 -5.26 18.26
N LEU C 132 5.35 -6.32 19.01
CA LEU C 132 4.71 -6.29 20.31
C LEU C 132 5.77 -6.33 21.39
N VAL C 133 5.68 -5.42 22.33
CA VAL C 133 6.62 -5.38 23.45
C VAL C 133 5.80 -5.42 24.71
N ALA C 134 6.06 -6.43 25.54
CA ALA C 134 5.44 -6.55 26.85
C ALA C 134 6.45 -6.07 27.84
N TYR C 135 5.98 -5.23 28.76
CA TYR C 135 6.78 -4.79 29.88
C TYR C 135 5.97 -4.59 31.17
N TRP C 136 6.68 -4.74 32.29
CA TRP C 136 6.06 -4.73 33.62
C TRP C 136 7.09 -4.38 34.70
N ARG C 137 6.59 -3.84 35.80
CA ARG C 137 7.38 -3.66 37.00
C ARG C 137 7.45 -5.05 37.64
N ARG C 138 8.65 -5.53 38.01
CA ARG C 138 8.80 -6.89 38.57
C ARG C 138 8.51 -6.99 40.10
N GLU C 139 7.21 -6.96 40.42
CA GLU C 139 6.67 -7.31 41.73
C GLU C 139 5.39 -8.14 41.48
N PRO C 140 4.91 -8.90 42.49
CA PRO C 140 3.51 -9.29 42.53
C PRO C 140 2.50 -8.30 41.89
N GLY C 141 2.55 -7.00 42.25
CA GLY C 141 1.60 -5.97 41.78
C GLY C 141 1.33 -5.83 40.27
N ALA C 142 1.97 -4.83 39.63
CA ALA C 142 1.61 -4.35 38.26
C ALA C 142 1.36 -5.42 37.22
N GLU C 143 0.54 -5.07 36.23
CA GLU C 143 0.16 -5.99 35.17
C GLU C 143 0.78 -5.52 33.89
N GLU C 144 1.25 -6.46 33.08
CA GLU C 144 2.14 -6.16 31.96
C GLU C 144 1.43 -5.37 30.86
N HIS C 145 2.01 -4.22 30.53
CA HIS C 145 1.51 -3.39 29.42
C HIS C 145 2.10 -3.87 28.08
N VAL C 146 1.67 -3.21 27.01
CA VAL C 146 2.00 -3.61 25.65
C VAL C 146 2.11 -2.36 24.77
N LYS C 147 3.33 -2.02 24.32
CA LYS C 147 3.55 -1.01 23.27
C LYS C 147 3.88 -1.64 21.91
N MET C 148 3.01 -1.39 20.94
CA MET C 148 3.27 -1.71 19.53
C MET C 148 4.32 -0.74 19.02
N VAL C 149 5.41 -1.29 18.48
CA VAL C 149 6.51 -0.52 17.87
C VAL C 149 6.63 -0.83 16.37
N ARG C 150 6.55 0.22 15.55
CA ARG C 150 6.38 0.01 14.12
C ARG C 150 7.66 -0.57 13.53
N SER C 151 8.81 0.02 13.87
CA SER C 151 10.06 -0.28 13.18
C SER C 151 11.30 -0.41 14.06
N GLY C 152 12.11 -1.38 13.63
CA GLY C 152 13.40 -1.65 14.22
C GLY C 152 14.38 -0.56 13.87
N GLY C 153 15.57 -0.64 14.45
CA GLY C 153 16.66 0.30 14.16
C GLY C 153 16.59 1.64 14.85
N ILE C 154 15.50 1.90 15.59
CA ILE C 154 15.29 3.20 16.28
C ILE C 154 15.20 2.94 17.80
N PRO C 155 15.97 3.67 18.62
CA PRO C 155 15.78 3.54 20.07
C PRO C 155 14.51 4.28 20.58
N VAL C 156 13.47 3.50 20.87
CA VAL C 156 12.19 3.98 21.34
C VAL C 156 12.02 3.87 22.89
N HIS C 157 11.56 4.97 23.50
CA HIS C 157 11.04 5.00 24.87
C HIS C 157 9.85 4.06 25.11
N LEU C 158 9.96 3.27 26.17
CA LEU C 158 8.86 2.42 26.69
C LEU C 158 8.08 3.01 27.88
N GLU C 159 8.79 3.28 28.95
CA GLU C 159 8.19 3.68 30.21
C GLU C 159 9.25 4.49 30.97
N THR C 160 8.81 5.50 31.73
CA THR C 160 9.67 6.10 32.74
C THR C 160 9.45 5.30 34.00
N MET C 161 10.55 4.97 34.67
CA MET C 161 10.54 3.99 35.73
C MET C 161 10.40 4.69 37.04
N GLU C 162 9.93 3.97 38.05
CA GLU C 162 9.89 4.46 39.43
C GLU C 162 10.90 3.72 40.31
N PRO C 163 11.42 4.40 41.35
CA PRO C 163 12.41 3.74 42.23
C PRO C 163 11.86 2.47 42.88
N GLY C 164 12.78 1.53 43.22
CA GLY C 164 12.45 0.37 44.06
C GLY C 164 12.64 -1.01 43.45
N ALA C 165 11.90 -1.27 42.37
CA ALA C 165 11.84 -2.60 41.74
C ALA C 165 12.37 -2.58 40.31
N ALA C 166 12.95 -3.70 39.89
CA ALA C 166 13.42 -3.87 38.50
C ALA C 166 12.23 -3.92 37.54
N TYR C 167 12.47 -3.47 36.30
CA TYR C 167 11.46 -3.50 35.23
C TYR C 167 11.94 -4.50 34.20
N CYS C 168 11.02 -5.35 33.73
CA CYS C 168 11.39 -6.45 32.82
C CYS C 168 10.67 -6.34 31.49
N VAL C 169 11.31 -6.85 30.44
CA VAL C 169 10.83 -6.65 29.04
C VAL C 169 11.13 -7.84 28.10
N LYS C 170 10.16 -8.19 27.25
CA LYS C 170 10.37 -9.15 26.19
C LYS C 170 9.58 -8.62 24.95
N ALA C 171 9.96 -9.11 23.77
CA ALA C 171 9.44 -8.63 22.49
C ALA C 171 9.19 -9.77 21.50
N GLU C 172 8.19 -9.55 20.67
CA GLU C 172 7.58 -10.54 19.81
C GLU C 172 7.37 -9.83 18.48
N THR C 173 7.14 -10.58 17.41
CA THR C 173 7.07 -10.04 16.08
C THR C 173 5.62 -10.43 15.59
N PHE C 174 5.04 -9.65 14.67
CA PHE C 174 3.70 -9.93 14.05
C PHE C 174 3.72 -9.55 12.58
N VAL C 175 3.16 -10.42 11.73
CA VAL C 175 3.24 -10.37 10.26
C VAL C 175 1.80 -10.44 9.71
N LYS C 176 1.21 -9.25 9.45
CA LYS C 176 -0.17 -9.14 8.95
C LYS C 176 -0.47 -10.05 7.72
N ALA C 177 0.45 -10.12 6.75
CA ALA C 177 0.27 -10.92 5.55
C ALA C 177 -0.02 -12.42 5.75
N ILE C 178 0.40 -12.97 6.91
CA ILE C 178 0.20 -14.39 7.23
C ILE C 178 -0.56 -14.66 8.53
N GLY C 179 -0.78 -13.63 9.35
CA GLY C 179 -1.62 -13.74 10.52
C GLY C 179 -0.92 -14.39 11.69
N ARG C 180 0.41 -14.29 11.71
CA ARG C 180 1.25 -15.05 12.64
C ARG C 180 2.13 -14.11 13.43
N TYR C 181 2.32 -14.47 14.71
CA TYR C 181 3.31 -13.88 15.63
C TYR C 181 4.43 -14.90 15.85
N SER C 182 5.64 -14.39 16.09
CA SER C 182 6.75 -15.16 16.65
C SER C 182 6.60 -15.47 18.17
N ALA C 183 7.48 -16.34 18.66
CA ALA C 183 7.67 -16.56 20.10
C ALA C 183 8.22 -15.26 20.68
N PHE C 184 8.06 -15.07 21.98
CA PHE C 184 8.72 -13.96 22.68
C PHE C 184 10.23 -14.18 22.73
N SER C 185 11.00 -13.09 22.74
CA SER C 185 12.43 -13.16 22.98
C SER C 185 12.69 -13.45 24.47
N GLN C 186 13.96 -13.66 24.83
CA GLN C 186 14.34 -13.77 26.24
C GLN C 186 13.94 -12.49 27.01
N THR C 187 13.38 -12.65 28.20
CA THR C 187 13.11 -11.51 29.07
C THR C 187 14.42 -10.91 29.53
N GLU C 188 14.51 -9.59 29.45
CA GLU C 188 15.62 -8.87 30.05
C GLU C 188 15.11 -7.92 31.16
N CYS C 189 15.93 -7.71 32.17
CA CYS C 189 15.50 -6.95 33.34
C CYS C 189 16.53 -5.91 33.67
N VAL C 190 16.08 -4.69 33.95
CA VAL C 190 16.94 -3.67 34.57
C VAL C 190 16.19 -3.10 35.75
#